data_8DFR
#
_entry.id   8DFR
#
_cell.length_a   89.070
_cell.length_b   47.960
_cell.length_c   64.310
_cell.angle_alpha   90.00
_cell.angle_beta   124.84
_cell.angle_gamma   90.00
#
_symmetry.space_group_name_H-M   'C 1 2 1'
#
loop_
_entity.id
_entity.type
_entity.pdbx_description
1 polymer 'DIHYDROFOLATE REDUCTASE'
2 non-polymer 'CALCIUM ION'
3 non-polymer 'NADPH DIHYDRO-NICOTINAMIDE-ADENINE-DINUCLEOTIDE PHOSPHATE'
4 water water
#
_entity_poly.entity_id   1
_entity_poly.type   'polypeptide(L)'
_entity_poly.pdbx_seq_one_letter_code
;VRSLNSIVAVCQNMGIGKDGNLPWPPLRNEYKYFQRMTSTSHVEGKQNAVIMGKKTWFSIPEKNRPLKDRINIVLSRELK
EAPKGAHYLSKSLDDALALLDSPELKSKVDMVWIVGGTAVYKAAMEKPINHRLFVTRILHEFESDTFFPEIDYKDFKLLT
EYPGVPADIQEEDGIQYKFEVYQKSVLAQ
;
_entity_poly.pdbx_strand_id   A
#
loop_
_chem_comp.id
_chem_comp.type
_chem_comp.name
_chem_comp.formula
CA non-polymer 'CALCIUM ION' 'Ca 2'
NDP non-polymer 'NADPH DIHYDRO-NICOTINAMIDE-ADENINE-DINUCLEOTIDE PHOSPHATE' 'C21 H30 N7 O17 P3'
#
# COMPACT_ATOMS: atom_id res chain seq x y z
N VAL A 1 12.93 8.43 -7.47
CA VAL A 1 12.27 7.11 -7.67
C VAL A 1 11.50 7.29 -8.97
N ARG A 2 11.68 6.30 -9.78
CA ARG A 2 11.07 6.32 -11.11
C ARG A 2 9.54 6.15 -11.05
N SER A 3 9.09 5.32 -10.10
CA SER A 3 7.64 5.02 -10.10
C SER A 3 7.18 4.55 -8.73
N LEU A 4 5.87 4.72 -8.46
CA LEU A 4 5.39 4.30 -7.13
C LEU A 4 4.33 3.24 -7.42
N ASN A 5 4.11 2.46 -6.39
CA ASN A 5 3.01 1.49 -6.47
C ASN A 5 2.22 1.71 -5.14
N SER A 6 0.90 1.64 -5.27
CA SER A 6 0.07 1.74 -4.00
C SER A 6 -0.84 0.52 -4.02
N ILE A 7 -1.15 0.00 -2.85
CA ILE A 7 -2.10 -1.15 -2.77
C ILE A 7 -3.11 -0.87 -1.65
N VAL A 8 -4.34 -1.20 -1.95
CA VAL A 8 -5.39 -0.95 -0.91
C VAL A 8 -6.54 -1.96 -1.18
N ALA A 9 -7.32 -2.17 -0.16
CA ALA A 9 -8.59 -2.96 -0.35
C ALA A 9 -9.70 -1.97 0.12
N VAL A 10 -10.73 -1.80 -0.68
CA VAL A 10 -11.86 -0.92 -0.26
C VAL A 10 -13.18 -1.66 -0.46
N CYS A 11 -14.15 -1.17 0.33
CA CYS A 11 -15.51 -1.78 0.17
C CYS A 11 -16.27 -0.84 -0.72
N GLN A 12 -17.55 -1.10 -0.79
CA GLN A 12 -18.44 -0.32 -1.68
C GLN A 12 -18.54 1.13 -1.26
N ASN A 13 -18.32 1.43 -0.01
CA ASN A 13 -18.37 2.87 0.40
C ASN A 13 -16.99 3.50 0.31
N MET A 14 -16.01 2.85 -0.28
CA MET A 14 -14.63 3.36 -0.38
C MET A 14 -13.99 3.40 1.01
N GLY A 15 -14.55 2.63 1.93
CA GLY A 15 -13.98 2.53 3.30
C GLY A 15 -12.72 1.65 3.30
N ILE A 16 -11.71 1.93 4.09
CA ILE A 16 -10.54 1.10 4.30
C ILE A 16 -10.33 0.68 5.72
N GLY A 17 -11.02 1.33 6.72
CA GLY A 17 -10.73 0.94 8.13
C GLY A 17 -11.95 1.32 9.06
N LYS A 18 -11.86 0.63 10.18
CA LYS A 18 -12.89 0.87 11.21
C LYS A 18 -12.23 0.57 12.55
N ASP A 19 -12.26 1.60 13.41
CA ASP A 19 -11.66 1.44 14.77
C ASP A 19 -10.20 0.94 14.77
N GLY A 20 -9.29 1.40 13.88
CA GLY A 20 -7.89 0.97 13.98
C GLY A 20 -7.66 -0.34 13.27
N ASN A 21 -8.74 -0.94 12.70
CA ASN A 21 -8.53 -2.21 11.98
C ASN A 21 -9.31 -2.18 10.67
N LEU A 22 -9.44 -3.31 10.00
CA LEU A 22 -10.20 -3.37 8.74
C LEU A 22 -11.70 -3.48 9.03
N PRO A 23 -12.50 -3.02 8.09
CA PRO A 23 -13.96 -3.03 8.30
C PRO A 23 -14.53 -4.45 8.23
N TRP A 24 -13.89 -5.34 7.54
CA TRP A 24 -14.37 -6.73 7.28
C TRP A 24 -13.51 -7.72 8.03
N PRO A 25 -14.07 -8.92 8.31
CA PRO A 25 -13.33 -9.96 8.97
C PRO A 25 -12.33 -10.48 7.95
N PRO A 26 -11.45 -11.32 8.45
CA PRO A 26 -10.31 -11.78 7.68
C PRO A 26 -10.60 -12.55 6.41
N LEU A 27 -9.92 -12.16 5.35
CA LEU A 27 -9.97 -12.82 4.04
C LEU A 27 -8.55 -13.31 3.75
N ARG A 28 -8.40 -14.61 3.86
CA ARG A 28 -7.06 -15.26 3.65
C ARG A 28 -6.41 -14.99 2.32
N ASN A 29 -7.12 -15.17 1.21
CA ASN A 29 -6.61 -14.97 -0.14
C ASN A 29 -6.25 -13.55 -0.45
N GLU A 30 -6.98 -12.62 0.14
CA GLU A 30 -6.69 -11.16 -0.05
C GLU A 30 -5.38 -10.79 0.66
N TYR A 31 -5.25 -11.27 1.88
CA TYR A 31 -3.98 -11.11 2.64
C TYR A 31 -2.80 -11.71 1.88
N LYS A 32 -2.94 -12.94 1.39
CA LYS A 32 -1.83 -13.56 0.63
C LYS A 32 -1.45 -12.71 -0.55
N TYR A 33 -2.44 -12.10 -1.19
CA TYR A 33 -2.21 -11.27 -2.37
C TYR A 33 -1.35 -10.05 -1.97
N PHE A 34 -1.78 -9.43 -0.87
CA PHE A 34 -0.99 -8.27 -0.39
C PHE A 34 0.44 -8.70 -0.08
N GLN A 35 0.60 -9.76 0.67
CA GLN A 35 1.94 -10.21 1.02
C GLN A 35 2.79 -10.46 -0.23
N ARG A 36 2.21 -11.17 -1.23
CA ARG A 36 2.99 -11.54 -2.43
C ARG A 36 3.37 -10.37 -3.26
N MET A 37 2.41 -9.45 -3.46
CA MET A 37 2.64 -8.30 -4.30
C MET A 37 3.69 -7.38 -3.63
N THR A 38 3.51 -7.12 -2.34
CA THR A 38 4.50 -6.24 -1.72
C THR A 38 5.87 -6.83 -1.47
N SER A 39 5.99 -8.13 -1.24
CA SER A 39 7.29 -8.79 -0.93
C SER A 39 8.10 -9.17 -2.19
N THR A 40 7.40 -9.41 -3.28
CA THR A 40 8.14 -9.86 -4.48
C THR A 40 8.97 -8.82 -5.16
N SER A 41 10.29 -9.03 -5.10
CA SER A 41 11.27 -8.17 -5.81
C SER A 41 11.65 -8.79 -7.16
N HIS A 42 11.85 -7.98 -8.16
CA HIS A 42 12.28 -8.52 -9.45
C HIS A 42 13.79 -8.40 -9.58
N VAL A 43 14.53 -8.57 -8.51
CA VAL A 43 15.97 -8.40 -8.72
C VAL A 43 16.67 -9.06 -7.57
N GLU A 44 17.70 -9.83 -7.84
CA GLU A 44 18.38 -10.51 -6.72
C GLU A 44 19.27 -9.50 -6.02
N GLY A 45 19.23 -9.67 -4.71
CA GLY A 45 20.06 -8.82 -3.84
C GLY A 45 19.28 -7.59 -3.36
N LYS A 46 18.05 -7.46 -3.88
CA LYS A 46 17.23 -6.28 -3.46
C LYS A 46 15.94 -6.74 -2.80
N GLN A 47 15.40 -5.74 -2.13
CA GLN A 47 14.10 -5.95 -1.42
C GLN A 47 13.21 -4.74 -1.74
N ASN A 48 11.91 -4.96 -1.51
CA ASN A 48 10.94 -3.85 -1.76
C ASN A 48 10.88 -3.02 -0.45
N ALA A 49 10.46 -1.77 -0.66
CA ALA A 49 10.24 -0.87 0.52
C ALA A 49 8.70 -0.63 0.63
N VAL A 50 8.26 -0.56 1.88
CA VAL A 50 6.83 -0.20 2.06
C VAL A 50 6.80 1.10 2.95
N ILE A 51 5.93 1.99 2.54
CA ILE A 51 5.79 3.24 3.31
C ILE A 51 4.33 3.24 3.87
N MET A 52 4.29 3.55 5.15
CA MET A 52 2.97 3.59 5.79
C MET A 52 2.95 4.70 6.85
N GLY A 53 1.73 5.07 7.20
CA GLY A 53 1.46 6.11 8.22
C GLY A 53 1.60 5.42 9.56
N LYS A 54 1.57 6.28 10.62
CA LYS A 54 1.77 5.75 11.95
C LYS A 54 0.69 4.88 12.48
N LYS A 55 -0.58 5.20 12.13
CA LYS A 55 -1.70 4.39 12.68
C LYS A 55 -1.71 3.02 11.93
N THR A 56 -1.30 3.03 10.70
CA THR A 56 -1.22 1.70 9.98
C THR A 56 -0.13 0.83 10.60
N TRP A 57 1.08 1.42 10.88
CA TRP A 57 2.14 0.62 11.56
C TRP A 57 1.62 -0.04 12.82
N PHE A 58 0.97 0.73 13.73
CA PHE A 58 0.52 0.25 15.02
C PHE A 58 -0.72 -0.67 14.88
N SER A 59 -1.28 -0.68 13.69
CA SER A 59 -2.44 -1.60 13.45
C SER A 59 -1.88 -2.98 13.22
N ILE A 60 -0.59 -3.10 12.94
CA ILE A 60 -0.04 -4.46 12.75
C ILE A 60 0.30 -5.05 14.09
N PRO A 61 -0.10 -6.32 14.29
CA PRO A 61 0.24 -7.00 15.57
C PRO A 61 1.76 -6.87 15.78
N GLU A 62 2.09 -6.52 17.02
CA GLU A 62 3.48 -6.25 17.35
C GLU A 62 4.46 -7.30 16.98
N LYS A 63 4.01 -8.58 17.24
CA LYS A 63 4.90 -9.70 16.93
C LYS A 63 5.05 -9.89 15.45
N ASN A 64 4.26 -9.28 14.59
CA ASN A 64 4.40 -9.41 13.12
C ASN A 64 5.16 -8.20 12.56
N ARG A 65 5.68 -7.33 13.46
CA ARG A 65 6.38 -6.14 12.87
C ARG A 65 7.89 -6.32 12.95
N PRO A 66 8.64 -5.78 12.01
CA PRO A 66 8.19 -5.15 10.77
C PRO A 66 7.72 -6.21 9.75
N LEU A 67 7.06 -5.77 8.69
CA LEU A 67 6.61 -6.71 7.63
C LEU A 67 7.91 -7.38 7.07
N LYS A 68 7.96 -8.69 7.24
CA LYS A 68 9.18 -9.47 6.86
C LYS A 68 9.56 -9.30 5.43
N ASP A 69 10.83 -9.27 5.14
CA ASP A 69 11.43 -9.17 3.82
C ASP A 69 11.19 -7.88 3.07
N ARG A 70 10.76 -6.86 3.83
CA ARG A 70 10.59 -5.54 3.19
C ARG A 70 11.27 -4.54 4.14
N ILE A 71 11.70 -3.45 3.57
CA ILE A 71 12.24 -2.32 4.38
C ILE A 71 10.98 -1.48 4.74
N ASN A 72 10.77 -1.35 6.04
CA ASN A 72 9.57 -0.66 6.54
C ASN A 72 9.89 0.82 6.86
N ILE A 73 9.17 1.72 6.24
CA ILE A 73 9.36 3.17 6.53
C ILE A 73 8.03 3.71 7.06
N VAL A 74 8.13 4.33 8.25
CA VAL A 74 6.89 4.90 8.85
C VAL A 74 6.96 6.44 8.72
N LEU A 75 5.83 7.01 8.42
CA LEU A 75 5.72 8.51 8.33
C LEU A 75 5.06 9.03 9.61
N SER A 76 5.65 10.10 10.18
CA SER A 76 5.05 10.70 11.40
C SER A 76 5.76 12.09 11.55
N ARG A 77 4.94 13.03 11.87
CA ARG A 77 5.38 14.43 12.15
C ARG A 77 5.61 14.54 13.65
N GLU A 78 5.16 13.65 14.49
CA GLU A 78 5.31 13.68 15.92
C GLU A 78 6.43 12.86 16.49
N LEU A 79 6.78 11.68 16.02
CA LEU A 79 7.81 10.83 16.54
C LEU A 79 9.18 11.44 16.20
N LYS A 80 9.99 11.18 17.19
CA LYS A 80 11.39 11.64 17.32
C LYS A 80 12.29 10.56 16.75
N GLU A 81 11.86 9.33 16.98
CA GLU A 81 12.63 8.18 16.47
C GLU A 81 11.70 7.10 15.88
N ALA A 82 12.25 6.30 14.99
CA ALA A 82 11.48 5.17 14.42
C ALA A 82 10.99 4.25 15.54
N PRO A 83 9.71 3.88 15.40
CA PRO A 83 9.09 2.98 16.38
C PRO A 83 9.90 1.68 16.34
N LYS A 84 9.88 1.01 17.47
CA LYS A 84 10.59 -0.27 17.67
C LYS A 84 10.23 -1.22 16.52
N GLY A 85 11.24 -1.66 15.83
CA GLY A 85 11.04 -2.61 14.70
C GLY A 85 11.03 -1.98 13.33
N ALA A 86 10.72 -0.70 13.19
CA ALA A 86 10.66 -0.08 11.88
C ALA A 86 12.09 0.20 11.47
N HIS A 87 12.40 0.19 10.20
CA HIS A 87 13.69 0.47 9.64
C HIS A 87 13.95 1.97 9.56
N TYR A 88 13.00 2.81 9.23
CA TYR A 88 13.28 4.24 9.07
C TYR A 88 12.02 5.03 9.39
N LEU A 89 12.22 6.27 9.84
CA LEU A 89 11.09 7.15 10.20
C LEU A 89 11.26 8.34 9.26
N SER A 90 10.23 8.87 8.71
CA SER A 90 10.33 10.03 7.81
C SER A 90 9.24 11.00 8.20
N LYS A 91 9.51 12.28 7.93
CA LYS A 91 8.49 13.26 8.37
C LYS A 91 7.56 13.71 7.29
N SER A 92 7.77 13.22 6.08
CA SER A 92 6.85 13.51 4.98
C SER A 92 7.11 12.47 3.91
N LEU A 93 6.18 12.38 2.95
CA LEU A 93 6.45 11.43 1.84
C LEU A 93 7.71 11.81 1.06
N ASP A 94 7.85 13.11 0.85
CA ASP A 94 9.04 13.65 0.15
C ASP A 94 10.35 13.24 0.78
N ASP A 95 10.46 13.33 2.07
CA ASP A 95 11.66 12.91 2.82
C ASP A 95 11.94 11.43 2.61
N ALA A 96 10.83 10.65 2.66
CA ALA A 96 10.97 9.20 2.49
C ALA A 96 11.44 9.00 1.05
N LEU A 97 10.97 9.75 0.09
CA LEU A 97 11.41 9.46 -1.30
C LEU A 97 12.92 9.69 -1.46
N ALA A 98 13.28 10.82 -0.87
CA ALA A 98 14.70 11.28 -0.84
C ALA A 98 15.56 10.20 -0.21
N LEU A 99 15.09 9.78 0.95
CA LEU A 99 15.78 8.69 1.67
C LEU A 99 16.06 7.54 0.72
N LEU A 100 15.01 7.08 0.02
CA LEU A 100 15.14 5.92 -0.85
C LEU A 100 16.17 6.18 -1.92
N ASP A 101 16.19 7.42 -2.39
CA ASP A 101 17.12 7.76 -3.47
C ASP A 101 18.55 7.75 -2.93
N SER A 102 18.72 7.79 -1.62
CA SER A 102 20.06 7.85 -1.04
C SER A 102 20.89 6.62 -1.41
N PRO A 103 22.21 6.78 -1.26
CA PRO A 103 23.24 5.79 -1.58
C PRO A 103 22.95 4.38 -1.07
N GLU A 104 22.90 4.27 0.24
CA GLU A 104 22.62 3.08 1.04
C GLU A 104 21.35 2.35 0.61
N LEU A 105 20.24 3.11 0.52
CA LEU A 105 18.97 2.59 0.10
C LEU A 105 18.97 2.27 -1.39
N LYS A 106 19.27 3.26 -2.18
CA LYS A 106 19.20 3.12 -3.63
C LYS A 106 19.61 1.78 -4.17
N SER A 107 20.75 1.27 -3.74
CA SER A 107 21.17 -0.03 -4.29
C SER A 107 20.47 -1.22 -3.65
N LYS A 108 19.82 -0.99 -2.54
CA LYS A 108 19.21 -2.06 -1.75
C LYS A 108 17.73 -2.30 -2.06
N VAL A 109 17.15 -1.33 -2.70
CA VAL A 109 15.72 -1.27 -2.97
C VAL A 109 15.32 -1.49 -4.40
N ASP A 110 14.29 -2.34 -4.54
CA ASP A 110 13.68 -2.66 -5.85
C ASP A 110 12.45 -1.78 -6.05
N MET A 111 11.26 -2.21 -5.63
CA MET A 111 10.04 -1.46 -5.86
C MET A 111 9.62 -0.75 -4.52
N VAL A 112 8.86 0.32 -4.68
CA VAL A 112 8.35 1.08 -3.53
C VAL A 112 6.80 0.91 -3.52
N TRP A 113 6.39 0.51 -2.34
CA TRP A 113 4.90 0.28 -2.21
C TRP A 113 4.38 1.22 -1.09
N ILE A 114 3.30 1.87 -1.44
CA ILE A 114 2.59 2.71 -0.45
C ILE A 114 1.46 1.81 0.07
N VAL A 115 1.40 1.68 1.39
CA VAL A 115 0.43 0.76 2.01
C VAL A 115 -0.57 1.46 2.98
N GLY A 116 -0.65 2.79 2.85
CA GLY A 116 -1.73 3.55 3.57
C GLY A 116 -1.19 4.24 4.82
N GLY A 117 -2.06 4.97 5.50
CA GLY A 117 -3.45 5.20 5.24
C GLY A 117 -3.74 6.36 4.29
N THR A 118 -4.93 6.93 4.55
CA THR A 118 -5.53 7.98 3.70
C THR A 118 -4.57 9.06 3.23
N ALA A 119 -3.95 9.74 4.21
CA ALA A 119 -3.05 10.88 3.85
C ALA A 119 -1.81 10.41 3.12
N VAL A 120 -1.44 9.18 3.38
CA VAL A 120 -0.28 8.62 2.64
C VAL A 120 -0.66 8.34 1.18
N TYR A 121 -1.85 7.75 1.00
CA TYR A 121 -2.28 7.52 -0.39
C TYR A 121 -2.43 8.81 -1.17
N LYS A 122 -3.05 9.75 -0.47
CA LYS A 122 -3.33 11.05 -1.11
C LYS A 122 -2.05 11.77 -1.56
N ALA A 123 -1.07 11.79 -0.66
CA ALA A 123 0.22 12.47 -1.01
C ALA A 123 0.88 11.76 -2.16
N ALA A 124 0.88 10.44 -2.15
CA ALA A 124 1.51 9.67 -3.26
C ALA A 124 0.78 9.90 -4.53
N MET A 125 -0.55 9.97 -4.51
CA MET A 125 -1.32 10.16 -5.74
C MET A 125 -1.11 11.52 -6.37
N GLU A 126 -0.84 12.48 -5.56
CA GLU A 126 -0.57 13.85 -6.07
C GLU A 126 0.80 13.99 -6.69
N LYS A 127 1.79 13.20 -6.40
CA LYS A 127 3.13 13.37 -7.03
C LYS A 127 3.06 13.06 -8.55
N PRO A 128 3.73 13.94 -9.30
CA PRO A 128 3.76 13.83 -10.76
C PRO A 128 4.82 12.85 -11.16
N ILE A 129 4.47 11.61 -10.79
CA ILE A 129 5.35 10.45 -11.05
C ILE A 129 4.49 9.25 -11.41
N ASN A 130 5.06 8.44 -12.26
CA ASN A 130 4.45 7.21 -12.76
C ASN A 130 4.02 6.40 -11.52
N HIS A 131 2.76 5.93 -11.67
CA HIS A 131 2.20 5.23 -10.47
C HIS A 131 1.12 4.23 -10.89
N ARG A 132 1.25 3.06 -10.25
CA ARG A 132 0.33 1.96 -10.40
C ARG A 132 -0.44 1.75 -9.06
N LEU A 133 -1.74 1.70 -9.22
CA LEU A 133 -2.56 1.49 -7.98
C LEU A 133 -3.24 0.12 -8.16
N PHE A 134 -3.04 -0.73 -7.19
CA PHE A 134 -3.56 -2.07 -7.10
C PHE A 134 -4.70 -1.95 -6.03
N VAL A 135 -5.90 -2.07 -6.62
CA VAL A 135 -7.09 -1.98 -5.74
C VAL A 135 -7.82 -3.29 -5.66
N THR A 136 -8.19 -3.73 -4.48
CA THR A 136 -9.12 -4.87 -4.31
C THR A 136 -10.50 -4.25 -3.99
N ARG A 137 -11.45 -4.44 -4.88
CA ARG A 137 -12.79 -3.88 -4.59
C ARG A 137 -13.64 -5.00 -3.98
N ILE A 138 -14.03 -4.83 -2.71
CA ILE A 138 -14.86 -5.84 -2.00
C ILE A 138 -16.26 -5.34 -2.28
N LEU A 139 -16.99 -6.25 -2.85
CA LEU A 139 -18.33 -5.90 -3.40
C LEU A 139 -19.44 -5.99 -2.38
N HIS A 140 -19.22 -5.36 -1.28
CA HIS A 140 -20.27 -5.36 -0.20
C HIS A 140 -20.02 -4.09 0.62
N GLU A 141 -20.98 -3.77 1.47
CA GLU A 141 -20.69 -2.52 2.27
C GLU A 141 -20.48 -2.92 3.72
N PHE A 142 -19.52 -2.29 4.35
CA PHE A 142 -19.20 -2.55 5.76
C PHE A 142 -19.18 -1.15 6.42
N GLU A 143 -19.37 -1.12 7.72
CA GLU A 143 -19.28 0.23 8.36
C GLU A 143 -17.79 0.59 8.44
N SER A 144 -17.48 1.79 8.00
CA SER A 144 -16.04 2.23 8.04
C SER A 144 -15.97 3.63 8.64
N ASP A 145 -14.82 3.96 9.14
CA ASP A 145 -14.64 5.36 9.67
C ASP A 145 -13.44 6.00 9.00
N THR A 146 -12.82 5.32 8.02
CA THR A 146 -11.62 5.87 7.35
C THR A 146 -11.75 5.46 5.83
N PHE A 147 -11.50 6.40 4.96
CA PHE A 147 -11.81 6.17 3.54
C PHE A 147 -10.62 6.46 2.64
N PHE A 148 -10.79 5.83 1.46
CA PHE A 148 -9.72 6.03 0.44
C PHE A 148 -10.00 7.40 -0.20
N PRO A 149 -8.96 8.19 -0.48
CA PRO A 149 -9.18 9.49 -1.15
C PRO A 149 -9.74 9.28 -2.57
N GLU A 150 -10.29 10.32 -3.20
CA GLU A 150 -10.79 10.20 -4.58
C GLU A 150 -9.63 10.09 -5.58
N ILE A 151 -9.76 9.14 -6.48
CA ILE A 151 -8.75 8.88 -7.52
C ILE A 151 -9.22 9.68 -8.76
N ASP A 152 -8.31 10.37 -9.41
CA ASP A 152 -8.59 11.15 -10.61
C ASP A 152 -8.60 10.21 -11.82
N TYR A 153 -9.82 9.85 -12.22
CA TYR A 153 -10.00 8.94 -13.29
C TYR A 153 -9.49 9.54 -14.59
N LYS A 154 -9.13 10.79 -14.60
CA LYS A 154 -8.61 11.29 -15.91
C LYS A 154 -7.14 10.91 -15.94
N ASP A 155 -6.53 10.71 -14.80
CA ASP A 155 -5.13 10.45 -14.73
C ASP A 155 -4.83 8.97 -14.58
N PHE A 156 -5.63 8.41 -13.68
CA PHE A 156 -5.37 6.95 -13.41
C PHE A 156 -6.30 6.14 -14.34
N LYS A 157 -5.75 5.46 -15.31
CA LYS A 157 -6.58 4.67 -16.24
C LYS A 157 -6.62 3.22 -15.79
N LEU A 158 -7.80 2.66 -15.79
CA LEU A 158 -8.04 1.26 -15.40
C LEU A 158 -7.45 0.37 -16.51
N LEU A 159 -6.63 -0.55 -16.11
CA LEU A 159 -6.12 -1.55 -17.07
C LEU A 159 -7.18 -2.66 -17.17
N THR A 160 -7.27 -3.24 -18.37
CA THR A 160 -8.25 -4.35 -18.58
C THR A 160 -7.60 -5.69 -18.25
N GLU A 161 -6.29 -5.71 -18.20
CA GLU A 161 -5.50 -6.86 -17.84
C GLU A 161 -4.13 -6.51 -17.28
N TYR A 162 -3.63 -7.37 -16.39
CA TYR A 162 -2.30 -7.13 -15.84
C TYR A 162 -1.74 -8.48 -15.47
N PRO A 163 -0.51 -8.72 -15.90
CA PRO A 163 0.19 -9.96 -15.62
C PRO A 163 0.20 -10.41 -14.16
N GLY A 164 -0.44 -11.55 -13.96
CA GLY A 164 -0.48 -12.15 -12.62
C GLY A 164 -1.61 -11.61 -11.75
N VAL A 165 -2.56 -10.89 -12.35
CA VAL A 165 -3.71 -10.38 -11.54
C VAL A 165 -4.92 -11.03 -12.19
N PRO A 166 -5.60 -11.87 -11.42
CA PRO A 166 -6.80 -12.55 -11.90
C PRO A 166 -7.79 -11.51 -12.40
N ALA A 167 -8.50 -11.84 -13.47
CA ALA A 167 -9.50 -10.91 -14.01
C ALA A 167 -10.90 -11.05 -13.42
N ASP A 168 -11.27 -12.30 -13.22
CA ASP A 168 -12.60 -12.70 -12.76
C ASP A 168 -12.91 -12.20 -11.33
N ILE A 169 -14.20 -12.11 -11.02
CA ILE A 169 -14.65 -11.81 -9.65
C ILE A 169 -14.25 -13.02 -8.81
N GLN A 170 -13.65 -12.81 -7.67
CA GLN A 170 -13.19 -13.83 -6.72
C GLN A 170 -14.25 -13.98 -5.62
N GLU A 171 -14.23 -15.08 -4.86
CA GLU A 171 -15.22 -15.18 -3.73
C GLU A 171 -14.51 -15.90 -2.60
N GLU A 172 -14.72 -15.48 -1.38
CA GLU A 172 -14.10 -16.17 -0.22
C GLU A 172 -15.00 -15.78 0.93
N ASP A 173 -15.31 -16.73 1.77
CA ASP A 173 -16.16 -16.54 2.92
C ASP A 173 -17.49 -15.86 2.57
N GLY A 174 -18.05 -16.25 1.47
CA GLY A 174 -19.35 -15.71 1.05
C GLY A 174 -19.30 -14.29 0.53
N ILE A 175 -18.14 -13.69 0.46
CA ILE A 175 -17.91 -12.33 -0.04
C ILE A 175 -17.22 -12.38 -1.43
N GLN A 176 -17.68 -11.47 -2.30
CA GLN A 176 -17.04 -11.39 -3.59
C GLN A 176 -16.16 -10.13 -3.66
N TYR A 177 -15.14 -10.25 -4.45
CA TYR A 177 -14.23 -9.06 -4.64
C TYR A 177 -13.55 -9.21 -5.98
N LYS A 178 -13.05 -8.07 -6.47
CA LYS A 178 -12.34 -8.07 -7.75
C LYS A 178 -11.05 -7.25 -7.59
N PHE A 179 -10.08 -7.70 -8.33
CA PHE A 179 -8.76 -6.97 -8.37
C PHE A 179 -8.71 -6.04 -9.54
N GLU A 180 -8.31 -4.77 -9.35
CA GLU A 180 -8.21 -3.79 -10.43
C GLU A 180 -6.84 -3.14 -10.31
N VAL A 181 -6.34 -2.73 -11.47
CA VAL A 181 -5.04 -2.06 -11.54
C VAL A 181 -5.32 -0.78 -12.37
N TYR A 182 -4.90 0.34 -11.79
CA TYR A 182 -5.03 1.64 -12.46
C TYR A 182 -3.58 2.16 -12.65
N GLN A 183 -3.42 2.91 -13.78
CA GLN A 183 -2.03 3.37 -14.03
C GLN A 183 -2.02 4.82 -14.47
N LYS A 184 -1.11 5.56 -13.82
CA LYS A 184 -0.92 7.00 -14.19
C LYS A 184 0.48 7.10 -14.86
N SER A 185 0.50 7.68 -16.04
CA SER A 185 1.79 7.83 -16.75
C SER A 185 2.16 9.30 -16.72
N VAL A 186 3.36 9.57 -16.30
CA VAL A 186 3.98 10.90 -16.11
C VAL A 186 5.07 11.09 -17.20
CA CA B . -1.08 13.25 15.46
PA NDP C . -2.38 6.46 8.78
O1A NDP C . -2.16 7.23 7.56
O2A NDP C . -1.84 5.06 8.92
O5B NDP C . -1.69 7.22 10.12
C5B NDP C . -1.89 8.69 10.13
C4B NDP C . -0.63 9.24 10.87
O4B NDP C . 0.37 8.99 10.17
C3B NDP C . -0.78 10.87 10.83
O3B NDP C . -1.51 11.08 12.12
C2B NDP C . 0.73 11.15 10.91
O2B NDP C . 1.30 10.78 12.11
C1B NDP C . 1.22 10.11 9.89
N9A NDP C . 1.12 10.57 8.53
C8A NDP C . 0.18 10.15 7.65
N7A NDP C . 0.38 10.61 6.43
C5A NDP C . 1.57 11.42 6.66
C6A NDP C . 2.43 12.35 5.74
N6A NDP C . 2.09 12.52 4.46
N1A NDP C . 3.52 12.90 6.28
C2A NDP C . 3.73 12.65 7.57
N3A NDP C . 3.06 11.92 8.45
C4A NDP C . 1.97 11.34 7.91
O3 NDP C . -3.85 6.44 9.31
PN NDP C . -5.30 6.16 8.73
O1N NDP C . -5.62 6.89 7.56
O2N NDP C . -6.24 6.38 9.82
O5D NDP C . -5.27 4.57 8.45
C5D NDP C . -5.18 3.54 9.43
C4D NDP C . -6.51 2.81 9.28
O4D NDP C . -6.60 2.33 7.87
C3D NDP C . -6.70 1.54 10.17
O3D NDP C . -8.12 1.31 10.37
C2D NDP C . -6.01 0.49 9.21
O2D NDP C . -6.52 -0.79 9.56
C1D NDP C . -6.61 0.88 7.88
N1N NDP C . -5.85 0.37 6.64
C2N NDP C . -6.57 -0.23 5.56
C3N NDP C . -5.91 -0.54 4.45
C7N NDP C . -6.70 -1.24 3.37
O7N NDP C . -6.11 -1.46 2.32
N7N NDP C . -8.02 -1.46 3.58
C4N NDP C . -4.43 -0.16 4.18
C5N NDP C . -3.85 0.53 5.38
C6N NDP C . -4.54 0.80 6.47
P2B NDP C . 1.60 11.96 13.32
O1X NDP C . 2.40 11.21 14.30
O2X NDP C . 2.13 13.02 12.48
O3X NDP C . 0.20 12.24 13.80
#